data_1PT3
#
_entry.id   1PT3
#
_cell.length_a   59.430
_cell.length_b   46.470
_cell.length_c   78.450
_cell.angle_alpha   90.00
_cell.angle_beta   90.39
_cell.angle_gamma   90.00
#
_symmetry.space_group_name_H-M   'P 1 21 1'
#
loop_
_entity.id
_entity.type
_entity.pdbx_description
1 polymer "5'-GCGATCGC-3'"
2 polymer 'Colicin E7'
3 water water
#
loop_
_entity_poly.entity_id
_entity_poly.type
_entity_poly.pdbx_seq_one_letter_code
_entity_poly.pdbx_strand_id
1 'polydeoxyribonucleotide' (DG)(DC)(DG)(DA)(DT)(DC)(DG)(DC) C,D,G,H,E,F
2 'polypeptide(L)'
;KPGKATGKGKPVNNKWLNNAGKDLGSPVPDRIANKLRDKEFKSFDDFRKKFWEEVSKDPELSKQFSRNNNDRMKVGKAPK
TRTQDVSGKRTSFELHHEKPISQNGGVYDMDNISVVTPKRHIDIHRGK
;
A,B
#
# COMPACT_ATOMS: atom_id res chain seq x y z
N LYS G 1 7.54 9.83 15.76
CA LYS G 1 8.81 10.56 15.47
C LYS G 1 9.34 10.24 14.08
N PRO G 2 8.63 10.64 13.02
CA PRO G 2 9.07 10.37 11.65
C PRO G 2 10.24 11.26 11.26
N GLY G 3 10.54 11.29 9.98
CA GLY G 3 11.65 12.10 9.51
C GLY G 3 12.36 11.41 8.37
N LYS G 4 13.19 12.15 7.65
CA LYS G 4 13.92 11.59 6.53
C LYS G 4 15.33 11.21 6.97
N ALA G 5 15.99 10.37 6.18
CA ALA G 5 17.34 9.93 6.52
C ALA G 5 18.38 10.63 5.67
N THR G 6 19.53 10.93 6.27
CA THR G 6 20.59 11.61 5.55
C THR G 6 21.97 11.05 5.88
N GLY G 7 22.96 11.33 5.02
CA GLY G 7 24.30 10.84 5.30
C GLY G 7 25.14 10.36 4.13
N LYS G 8 26.44 10.35 4.33
CA LYS G 8 27.34 9.92 3.28
C LYS G 8 27.96 8.53 3.49
N GLY G 9 27.91 8.00 4.71
CA GLY G 9 28.47 6.68 4.94
C GLY G 9 29.94 6.65 4.57
N LYS G 10 30.54 5.48 4.71
CA LYS G 10 31.96 5.29 4.39
C LYS G 10 32.14 4.09 3.47
N PRO G 11 33.34 3.91 2.89
CA PRO G 11 33.54 2.76 2.01
C PRO G 11 33.88 1.58 2.89
N VAL G 12 33.55 0.36 2.48
CA VAL G 12 33.84 -0.81 3.30
C VAL G 12 34.48 -1.95 2.50
N ASN G 13 35.27 -2.78 3.17
CA ASN G 13 35.92 -3.88 2.49
C ASN G 13 35.12 -5.18 2.47
N ASN G 14 35.83 -6.30 2.56
CA ASN G 14 35.25 -7.64 2.53
C ASN G 14 34.97 -8.19 3.94
N LYS G 15 35.28 -7.38 4.95
CA LYS G 15 35.03 -7.72 6.34
C LYS G 15 34.34 -6.56 7.12
N TRP G 16 33.30 -6.01 6.49
CA TRP G 16 32.50 -4.92 7.07
C TRP G 16 32.35 -5.00 8.60
N LEU G 17 31.51 -5.93 9.04
CA LEU G 17 31.22 -6.10 10.46
C LEU G 17 32.33 -6.68 11.31
N ASN G 18 33.45 -6.99 10.68
CA ASN G 18 34.58 -7.57 11.42
C ASN G 18 34.97 -6.80 12.66
N ASN G 19 34.84 -5.47 12.64
CA ASN G 19 35.20 -4.69 13.84
C ASN G 19 34.02 -4.12 14.64
N ALA G 20 32.82 -4.60 14.31
CA ALA G 20 31.60 -4.19 14.98
C ALA G 20 31.70 -4.46 16.49
N GLY G 21 32.82 -5.01 16.92
CA GLY G 21 32.97 -5.26 18.34
C GLY G 21 33.96 -4.36 19.05
N LYS G 22 34.47 -3.34 18.35
CA LYS G 22 35.45 -2.44 18.94
C LYS G 22 35.12 -0.96 18.75
N ASP G 23 35.37 -0.17 19.79
CA ASP G 23 35.10 1.25 19.69
C ASP G 23 33.61 1.45 19.39
N LEU G 24 33.30 2.22 18.37
CA LEU G 24 31.92 2.49 17.99
C LEU G 24 31.38 1.56 16.90
N GLY G 25 32.10 0.46 16.64
CA GLY G 25 31.65 -0.49 15.65
C GLY G 25 31.88 -0.12 14.20
N SER G 26 31.14 -0.74 13.29
CA SER G 26 31.28 -0.51 11.86
C SER G 26 30.28 0.55 11.37
N PRO G 27 30.63 1.28 10.29
CA PRO G 27 29.79 2.33 9.70
C PRO G 27 28.81 1.83 8.66
N VAL G 28 28.01 2.79 8.19
CA VAL G 28 27.03 2.52 7.17
C VAL G 28 27.83 2.59 5.88
N PRO G 29 27.74 1.53 5.06
CA PRO G 29 28.45 1.48 3.79
C PRO G 29 27.99 2.56 2.85
N ASP G 30 28.93 3.13 2.12
CA ASP G 30 28.58 4.19 1.17
C ASP G 30 27.41 3.80 0.28
N ARG G 31 27.55 2.69 -0.44
CA ARG G 31 26.51 2.20 -1.37
C ARG G 31 25.13 2.13 -0.74
N ILE G 32 25.11 1.75 0.54
CA ILE G 32 23.88 1.63 1.28
C ILE G 32 23.36 3.01 1.60
N ALA G 33 24.23 3.95 1.97
CA ALA G 33 23.74 5.30 2.26
C ALA G 33 23.05 5.92 1.04
N ASN G 34 23.55 5.61 -0.16
CA ASN G 34 22.90 6.17 -1.34
C ASN G 34 21.48 5.66 -1.54
N LYS G 35 21.28 4.35 -1.38
CA LYS G 35 19.97 3.75 -1.56
C LYS G 35 18.97 4.31 -0.60
N LEU G 36 19.45 4.71 0.58
CA LEU G 36 18.59 5.22 1.63
C LEU G 36 18.55 6.75 1.79
N ARG G 37 19.53 7.44 1.22
CA ARG G 37 19.61 8.89 1.31
C ARG G 37 18.33 9.59 0.88
N ASP G 38 18.04 10.74 1.51
CA ASP G 38 16.84 11.53 1.23
C ASP G 38 15.54 10.74 1.30
N LYS G 39 15.61 9.50 1.73
CA LYS G 39 14.40 8.68 1.84
C LYS G 39 13.50 9.22 2.94
N GLU G 40 12.45 8.49 3.31
CA GLU G 40 11.54 8.93 4.37
C GLU G 40 11.12 7.78 5.29
N PHE G 41 11.36 7.93 6.58
CA PHE G 41 11.04 6.86 7.51
C PHE G 41 10.02 7.19 8.58
N LYS G 42 9.22 6.21 8.95
CA LYS G 42 8.22 6.45 9.97
C LYS G 42 8.96 6.54 11.29
N SER G 43 9.42 5.39 11.78
CA SER G 43 10.14 5.29 13.03
C SER G 43 11.54 4.77 12.76
N PHE G 44 12.31 4.57 13.82
CA PHE G 44 13.66 4.06 13.63
C PHE G 44 13.57 2.58 13.31
N ASP G 45 12.56 1.92 13.86
CA ASP G 45 12.43 0.53 13.52
C ASP G 45 12.30 0.51 12.00
N ASP G 46 11.46 1.38 11.44
CA ASP G 46 11.28 1.36 10.00
C ASP G 46 12.63 1.44 9.31
N PHE G 47 13.53 2.20 9.88
CA PHE G 47 14.84 2.34 9.29
C PHE G 47 15.60 1.01 9.39
N ARG G 48 15.80 0.56 10.61
CA ARG G 48 16.51 -0.69 10.82
C ARG G 48 16.06 -1.75 9.81
N LYS G 49 14.75 -2.02 9.72
CA LYS G 49 14.24 -3.00 8.78
C LYS G 49 14.70 -2.77 7.35
N LYS G 50 14.62 -1.52 6.91
CA LYS G 50 15.01 -1.18 5.56
C LYS G 50 16.53 -1.31 5.34
N PHE G 51 17.29 -0.90 6.34
CA PHE G 51 18.74 -0.95 6.32
C PHE G 51 19.17 -2.41 6.04
N TRP G 52 18.74 -3.31 6.90
CA TRP G 52 19.09 -4.69 6.70
C TRP G 52 18.54 -5.22 5.36
N GLU G 53 17.36 -4.78 4.94
CA GLU G 53 16.84 -5.23 3.65
C GLU G 53 17.82 -4.77 2.57
N GLU G 54 18.21 -3.49 2.63
CA GLU G 54 19.15 -3.00 1.65
C GLU G 54 20.45 -3.80 1.73
N VAL G 55 20.95 -4.11 2.93
CA VAL G 55 22.19 -4.87 2.97
C VAL G 55 22.11 -6.17 2.18
N SER G 56 21.00 -6.89 2.29
CA SER G 56 20.82 -8.18 1.60
C SER G 56 20.62 -8.01 0.09
N LYS G 57 20.40 -6.78 -0.35
CA LYS G 57 20.26 -6.56 -1.79
C LYS G 57 21.60 -6.11 -2.38
N ASP G 58 22.62 -5.94 -1.54
CA ASP G 58 23.93 -5.52 -2.07
C ASP G 58 24.83 -6.71 -2.25
N PRO G 59 25.01 -7.15 -3.50
CA PRO G 59 25.85 -8.30 -3.87
C PRO G 59 27.13 -8.49 -3.06
N GLU G 60 27.96 -7.46 -2.99
CA GLU G 60 29.22 -7.59 -2.28
C GLU G 60 29.05 -7.65 -0.78
N LEU G 61 27.94 -7.13 -0.28
CA LEU G 61 27.73 -7.22 1.17
C LEU G 61 27.09 -8.57 1.52
N SER G 62 26.02 -8.93 0.84
CA SER G 62 25.40 -10.20 1.18
C SER G 62 26.37 -11.38 1.07
N LYS G 63 27.46 -11.23 0.33
CA LYS G 63 28.42 -12.31 0.22
C LYS G 63 29.16 -12.63 1.52
N GLN G 64 29.14 -11.71 2.47
CA GLN G 64 29.82 -11.90 3.73
C GLN G 64 28.90 -12.52 4.78
N PHE G 65 27.68 -12.82 4.38
CA PHE G 65 26.80 -13.43 5.38
C PHE G 65 26.36 -14.85 5.03
N SER G 66 26.11 -15.61 6.08
CA SER G 66 25.65 -16.99 5.98
C SER G 66 24.26 -17.01 5.40
N ARG G 67 23.93 -18.06 4.66
CA ARG G 67 22.62 -18.20 4.02
C ARG G 67 21.44 -17.85 4.95
N ASN G 68 21.42 -18.39 6.16
CA ASN G 68 20.33 -18.06 7.04
C ASN G 68 20.33 -16.58 7.37
N ASN G 69 21.50 -16.03 7.64
CA ASN G 69 21.57 -14.61 7.97
C ASN G 69 21.02 -13.72 6.87
N ASN G 70 21.30 -14.10 5.61
CA ASN G 70 20.80 -13.39 4.47
C ASN G 70 19.27 -13.48 4.43
N ASP G 71 18.71 -14.65 4.75
CA ASP G 71 17.26 -14.85 4.79
C ASP G 71 16.65 -13.95 5.84
N ARG G 72 17.41 -13.70 6.91
CA ARG G 72 16.94 -12.84 7.95
C ARG G 72 16.88 -11.40 7.45
N MET G 73 17.98 -10.93 6.89
CA MET G 73 18.04 -9.53 6.45
C MET G 73 17.04 -9.22 5.36
N LYS G 74 16.70 -10.23 4.56
CA LYS G 74 15.76 -9.98 3.49
C LYS G 74 14.34 -9.57 3.99
N VAL G 75 14.00 -9.86 5.24
CA VAL G 75 12.68 -9.45 5.74
C VAL G 75 12.79 -8.59 6.98
N GLY G 76 13.83 -7.75 6.97
CA GLY G 76 14.08 -6.78 8.02
C GLY G 76 14.77 -7.21 9.28
N LYS G 77 15.01 -8.50 9.39
CA LYS G 77 15.65 -9.02 10.57
C LYS G 77 17.16 -8.73 10.55
N ALA G 78 17.72 -8.55 11.73
CA ALA G 78 19.12 -8.26 11.91
C ALA G 78 19.92 -9.58 11.89
N PRO G 79 21.14 -9.58 11.30
CA PRO G 79 21.98 -10.77 11.21
C PRO G 79 22.45 -11.12 12.60
N LYS G 80 22.74 -12.41 12.80
CA LYS G 80 23.26 -12.94 14.07
C LYS G 80 24.78 -12.75 14.08
N THR G 81 25.33 -12.57 15.28
CA THR G 81 26.74 -12.33 15.50
C THR G 81 27.50 -13.61 15.82
N ARG G 82 28.81 -13.50 16.01
CA ARG G 82 29.59 -14.68 16.32
C ARG G 82 29.26 -15.04 17.77
N THR G 83 29.40 -16.30 18.14
CA THR G 83 29.05 -16.70 19.49
C THR G 83 29.62 -15.85 20.58
N GLN G 84 30.89 -15.51 20.40
CA GLN G 84 31.60 -14.72 21.37
C GLN G 84 31.09 -13.28 21.44
N ASP G 85 30.39 -12.79 20.42
CA ASP G 85 29.89 -11.42 20.51
C ASP G 85 28.45 -11.26 21.00
N VAL G 86 27.80 -12.34 21.40
CA VAL G 86 26.42 -12.20 21.89
C VAL G 86 26.47 -11.82 23.35
N SER G 87 25.29 -11.59 23.91
CA SER G 87 25.12 -11.25 25.32
C SER G 87 23.85 -11.96 25.77
N GLY G 88 23.97 -13.20 26.22
CA GLY G 88 22.80 -13.95 26.66
C GLY G 88 21.84 -14.16 25.50
N LYS G 89 20.57 -13.84 25.68
CA LYS G 89 19.67 -14.02 24.58
C LYS G 89 19.78 -12.92 23.52
N ARG G 90 20.52 -11.82 23.80
CA ARG G 90 20.68 -10.80 22.76
C ARG G 90 21.78 -11.34 21.82
N THR G 91 21.40 -11.81 20.65
CA THR G 91 22.33 -12.38 19.70
C THR G 91 22.37 -11.75 18.31
N SER G 92 21.61 -10.68 18.09
CA SER G 92 21.60 -10.03 16.76
C SER G 92 22.53 -8.83 16.76
N PHE G 93 22.83 -8.31 15.57
CA PHE G 93 23.69 -7.13 15.44
C PHE G 93 22.78 -5.89 15.68
N GLU G 94 23.26 -4.89 16.40
CA GLU G 94 22.44 -3.72 16.70
C GLU G 94 22.97 -2.43 16.13
N LEU G 95 22.07 -1.49 15.86
CA LEU G 95 22.49 -0.18 15.34
C LEU G 95 22.63 0.73 16.55
N HIS G 96 23.62 1.62 16.50
CA HIS G 96 23.90 2.54 17.59
C HIS G 96 24.14 3.95 17.04
N HIS G 97 23.56 4.93 17.72
CA HIS G 97 23.73 6.34 17.39
C HIS G 97 24.83 6.86 18.32
N GLU G 98 25.85 7.46 17.73
CA GLU G 98 26.99 8.01 18.49
C GLU G 98 26.50 8.95 19.59
N LYS G 99 25.85 10.03 19.17
CA LYS G 99 25.28 11.03 20.08
C LYS G 99 23.77 10.83 20.16
N PRO G 100 23.24 10.66 21.39
CA PRO G 100 21.80 10.46 21.62
C PRO G 100 20.92 11.51 21.02
N ILE G 101 19.61 11.35 21.22
CA ILE G 101 18.65 12.31 20.69
C ILE G 101 18.61 13.50 21.61
N SER G 102 18.82 13.24 22.90
CA SER G 102 18.82 14.29 23.88
C SER G 102 19.98 15.25 23.64
N GLN G 103 20.97 14.88 22.81
CA GLN G 103 22.04 15.82 22.55
C GLN G 103 21.95 16.34 21.13
N ASN G 104 20.73 16.39 20.60
CA ASN G 104 20.51 16.88 19.25
C ASN G 104 21.08 15.94 18.17
N GLY G 105 21.41 14.70 18.54
CA GLY G 105 21.94 13.76 17.55
C GLY G 105 20.89 13.31 16.53
N GLY G 106 21.21 13.37 15.24
CA GLY G 106 20.23 12.97 14.24
C GLY G 106 19.79 11.52 14.34
N VAL G 107 18.49 11.26 14.50
CA VAL G 107 18.01 9.89 14.63
C VAL G 107 18.11 9.14 13.31
N TYR G 108 18.02 9.85 12.20
CA TYR G 108 18.11 9.19 10.91
C TYR G 108 19.35 9.69 10.19
N ASP G 109 20.37 10.03 10.96
CA ASP G 109 21.59 10.54 10.39
C ASP G 109 22.60 9.40 10.24
N MET G 110 22.61 8.77 9.08
CA MET G 110 23.50 7.63 8.86
C MET G 110 24.95 7.91 9.28
N ASP G 111 25.38 9.17 9.28
CA ASP G 111 26.75 9.39 9.73
C ASP G 111 26.79 9.33 11.28
N ASN G 112 25.63 9.25 11.90
CA ASN G 112 25.58 9.17 13.35
C ASN G 112 25.21 7.74 13.80
N ILE G 113 25.19 6.82 12.85
CA ILE G 113 24.77 5.44 13.10
C ILE G 113 25.80 4.40 12.68
N SER G 114 25.98 3.38 13.50
CA SER G 114 26.94 2.38 13.12
C SER G 114 26.42 1.02 13.61
N VAL G 115 27.08 -0.05 13.17
CA VAL G 115 26.66 -1.38 13.59
C VAL G 115 27.64 -1.92 14.63
N VAL G 116 27.09 -2.35 15.76
CA VAL G 116 27.87 -2.89 16.85
C VAL G 116 27.22 -4.18 17.36
N THR G 117 28.06 -5.04 17.97
CA THR G 117 27.61 -6.30 18.56
C THR G 117 27.02 -6.00 19.94
N PRO G 118 26.12 -6.86 20.43
CA PRO G 118 25.51 -6.63 21.74
C PRO G 118 26.56 -6.48 22.84
N LYS G 119 27.53 -7.38 22.85
CA LYS G 119 28.59 -7.36 23.84
C LYS G 119 29.22 -5.98 23.90
N ARG G 120 29.57 -5.44 22.74
CA ARG G 120 30.22 -4.15 22.69
C ARG G 120 29.27 -3.03 23.11
N HIS G 121 28.03 -3.11 22.62
CA HIS G 121 27.04 -2.13 22.96
C HIS G 121 26.92 -1.97 24.47
N ILE G 122 26.89 -3.07 25.22
CA ILE G 122 26.77 -2.95 26.68
C ILE G 122 27.97 -2.18 27.26
N ASP G 123 29.16 -2.43 26.74
CA ASP G 123 30.34 -1.70 27.21
C ASP G 123 30.25 -0.22 26.86
N ILE G 124 29.89 0.08 25.62
CA ILE G 124 29.78 1.45 25.16
C ILE G 124 28.86 2.26 26.08
N HIS G 125 27.80 1.62 26.58
CA HIS G 125 26.86 2.29 27.47
C HIS G 125 27.46 2.44 28.87
N ARG G 126 28.28 1.48 29.29
CA ARG G 126 28.93 1.53 30.62
C ARG G 126 30.07 2.55 30.64
N GLY G 127 30.44 3.07 29.48
CA GLY G 127 31.51 4.04 29.39
C GLY G 127 32.81 3.53 28.79
N LYS G 128 33.02 2.23 28.82
CA LYS G 128 34.25 1.65 28.28
C LYS G 128 34.35 1.90 26.77
N LYS H 1 -10.36 13.60 -18.31
CA LYS H 1 -11.52 14.40 -17.78
C LYS H 1 -11.89 14.02 -16.32
N PRO H 2 -11.07 14.44 -15.34
CA PRO H 2 -11.31 14.15 -13.92
C PRO H 2 -12.54 14.86 -13.36
N GLY H 3 -12.63 14.99 -12.04
CA GLY H 3 -13.77 15.66 -11.46
C GLY H 3 -14.09 15.21 -10.04
N LYS H 4 -15.19 15.72 -9.49
CA LYS H 4 -15.62 15.36 -8.14
C LYS H 4 -16.99 14.71 -8.20
N ALA H 5 -17.23 13.80 -7.27
CA ALA H 5 -18.50 13.10 -7.24
C ALA H 5 -19.56 14.01 -6.68
N THR H 6 -20.82 13.65 -6.90
CA THR H 6 -21.91 14.45 -6.40
C THR H 6 -23.26 13.82 -6.68
N GLY H 7 -24.27 14.31 -5.97
CA GLY H 7 -25.60 13.77 -6.18
C GLY H 7 -26.23 13.25 -4.89
N LYS H 8 -27.57 13.19 -4.88
CA LYS H 8 -28.30 12.73 -3.72
C LYS H 8 -28.43 11.21 -3.69
N GLY H 9 -28.89 10.65 -4.79
CA GLY H 9 -29.09 9.21 -4.86
C GLY H 9 -30.50 8.94 -4.41
N LYS H 10 -30.97 7.70 -4.61
CA LYS H 10 -32.33 7.28 -4.23
C LYS H 10 -32.26 6.02 -3.37
N PRO H 11 -33.22 5.84 -2.44
CA PRO H 11 -33.31 4.69 -1.53
C PRO H 11 -33.63 3.39 -2.25
N VAL H 12 -32.78 2.40 -2.05
CA VAL H 12 -32.96 1.12 -2.71
C VAL H 12 -33.42 0.05 -1.73
N ASN H 13 -34.31 -0.81 -2.21
CA ASN H 13 -34.87 -1.90 -1.40
C ASN H 13 -33.91 -3.06 -1.26
N ASN H 14 -34.46 -4.26 -1.16
CA ASN H 14 -33.67 -5.47 -1.00
C ASN H 14 -33.38 -6.15 -2.32
N LYS H 15 -34.04 -5.70 -3.38
CA LYS H 15 -33.84 -6.28 -4.70
C LYS H 15 -33.25 -5.23 -5.63
N TRP H 16 -32.27 -4.50 -5.14
CA TRP H 16 -31.62 -3.45 -5.93
C TRP H 16 -31.65 -3.63 -7.44
N LEU H 17 -30.70 -4.38 -7.99
CA LEU H 17 -30.61 -4.59 -9.44
C LEU H 17 -31.57 -5.63 -9.97
N ASN H 18 -32.84 -5.45 -9.69
CA ASN H 18 -33.85 -6.39 -10.15
C ASN H 18 -34.59 -5.86 -11.39
N ASN H 19 -34.26 -4.64 -11.79
CA ASN H 19 -34.89 -4.04 -12.95
C ASN H 19 -33.80 -3.44 -13.80
N ALA H 20 -32.56 -3.84 -13.54
CA ALA H 20 -31.43 -3.31 -14.27
C ALA H 20 -31.49 -3.69 -15.74
N GLY H 21 -32.42 -4.57 -16.10
CA GLY H 21 -32.56 -4.99 -17.49
C GLY H 21 -33.75 -4.32 -18.19
N LYS H 22 -34.22 -3.20 -17.63
CA LYS H 22 -35.37 -2.45 -18.18
C LYS H 22 -35.27 -0.92 -17.99
N ASP H 23 -35.76 -0.17 -18.97
CA ASP H 23 -35.72 1.27 -18.89
C ASP H 23 -34.30 1.75 -18.73
N LEU H 24 -34.01 2.34 -17.58
CA LEU H 24 -32.66 2.87 -17.32
C LEU H 24 -31.93 2.17 -16.18
N GLY H 25 -32.52 1.07 -15.71
CA GLY H 25 -31.93 0.32 -14.63
C GLY H 25 -32.07 0.94 -13.24
N SER H 26 -31.47 0.28 -12.26
CA SER H 26 -31.50 0.72 -10.88
C SER H 26 -30.67 1.98 -10.69
N PRO H 27 -31.07 2.82 -9.74
CA PRO H 27 -30.38 4.08 -9.44
C PRO H 27 -29.20 3.89 -8.51
N VAL H 28 -28.46 4.97 -8.34
CA VAL H 28 -27.31 4.96 -7.44
C VAL H 28 -27.80 5.07 -5.99
N PRO H 29 -27.67 3.99 -5.20
CA PRO H 29 -28.11 4.00 -3.80
C PRO H 29 -27.69 5.22 -3.01
N ASP H 30 -28.66 5.85 -2.35
CA ASP H 30 -28.41 7.02 -1.52
C ASP H 30 -27.21 6.82 -0.61
N ARG H 31 -27.23 5.71 0.12
CA ARG H 31 -26.14 5.38 1.04
C ARG H 31 -24.80 5.45 0.33
N ILE H 32 -24.75 4.89 -0.88
CA ILE H 32 -23.51 4.89 -1.67
C ILE H 32 -23.23 6.33 -2.11
N ALA H 33 -24.29 7.08 -2.39
CA ALA H 33 -24.11 8.46 -2.81
C ALA H 33 -23.40 9.23 -1.71
N ASN H 34 -23.91 9.09 -0.49
CA ASN H 34 -23.33 9.78 0.66
C ASN H 34 -21.88 9.41 0.88
N LYS H 35 -21.63 8.11 0.99
CA LYS H 35 -20.28 7.61 1.22
C LYS H 35 -19.31 8.03 0.12
N LEU H 36 -19.84 8.40 -1.05
CA LEU H 36 -18.98 8.80 -2.17
C LEU H 36 -18.99 10.29 -2.50
N ARG H 37 -20.01 10.99 -2.03
CA ARG H 37 -20.15 12.43 -2.27
C ARG H 37 -18.83 13.21 -2.19
N ASP H 38 -18.57 13.99 -3.24
CA ASP H 38 -17.37 14.81 -3.32
C ASP H 38 -16.09 14.00 -3.14
N LYS H 39 -15.58 13.42 -4.22
CA LYS H 39 -14.35 12.64 -4.15
C LYS H 39 -13.54 12.78 -5.41
N GLU H 40 -12.23 12.91 -5.23
CA GLU H 40 -11.29 13.07 -6.34
C GLU H 40 -11.21 11.85 -7.23
N PHE H 41 -11.73 11.99 -8.45
CA PHE H 41 -11.71 10.92 -9.43
C PHE H 41 -10.94 11.33 -10.66
N LYS H 42 -10.04 10.45 -11.08
CA LYS H 42 -9.24 10.71 -12.27
C LYS H 42 -9.93 10.38 -13.61
N SER H 43 -10.94 9.50 -13.59
CA SER H 43 -11.66 9.10 -14.82
C SER H 43 -12.88 8.33 -14.40
N PHE H 44 -13.91 8.26 -15.24
CA PHE H 44 -15.09 7.49 -14.87
C PHE H 44 -14.71 6.02 -14.67
N ASP H 45 -13.65 5.55 -15.35
CA ASP H 45 -13.23 4.17 -15.17
C ASP H 45 -12.93 3.98 -13.68
N ASP H 46 -12.23 4.93 -13.09
CA ASP H 46 -11.88 4.88 -11.68
C ASP H 46 -13.09 4.93 -10.77
N PHE H 47 -14.08 5.73 -11.13
CA PHE H 47 -15.31 5.84 -10.35
C PHE H 47 -16.05 4.50 -10.31
N ARG H 48 -16.06 3.76 -11.42
CA ARG H 48 -16.77 2.47 -11.44
C ARG H 48 -16.16 1.58 -10.35
N LYS H 49 -14.83 1.53 -10.36
CA LYS H 49 -14.09 0.76 -9.39
C LYS H 49 -14.49 1.10 -7.96
N LYS H 50 -14.23 2.33 -7.54
CA LYS H 50 -14.53 2.80 -6.19
C LYS H 50 -16.00 2.58 -5.87
N PHE H 51 -16.85 2.74 -6.87
CA PHE H 51 -18.26 2.55 -6.69
C PHE H 51 -18.57 1.12 -6.22
N TRP H 52 -18.17 0.13 -7.02
CA TRP H 52 -18.47 -1.25 -6.66
C TRP H 52 -17.79 -1.70 -5.38
N GLU H 53 -16.65 -1.09 -5.07
CA GLU H 53 -15.92 -1.40 -3.85
C GLU H 53 -16.75 -0.87 -2.70
N GLU H 54 -17.47 0.22 -2.94
CA GLU H 54 -18.31 0.78 -1.91
C GLU H 54 -19.60 -0.02 -1.79
N VAL H 55 -19.95 -0.74 -2.83
CA VAL H 55 -21.15 -1.56 -2.78
C VAL H 55 -20.90 -2.82 -1.97
N SER H 56 -19.65 -3.30 -1.98
CA SER H 56 -19.30 -4.52 -1.26
C SER H 56 -19.10 -4.24 0.23
N LYS H 57 -18.86 -2.97 0.55
CA LYS H 57 -18.63 -2.53 1.92
C LYS H 57 -19.94 -2.23 2.61
N ASP H 58 -21.04 -2.20 1.84
CA ASP H 58 -22.33 -1.91 2.42
C ASP H 58 -23.07 -3.20 2.66
N PRO H 59 -23.04 -3.70 3.91
CA PRO H 59 -23.72 -4.95 4.26
C PRO H 59 -25.09 -5.20 3.61
N GLU H 60 -26.02 -4.30 3.82
CA GLU H 60 -27.35 -4.49 3.26
C GLU H 60 -27.39 -4.86 1.77
N LEU H 61 -26.47 -4.29 1.00
CA LEU H 61 -26.36 -4.52 -0.45
C LEU H 61 -25.55 -5.78 -0.82
N SER H 62 -24.35 -5.93 -0.25
CA SER H 62 -23.48 -7.07 -0.53
C SER H 62 -24.21 -8.38 -0.31
N LYS H 63 -25.22 -8.33 0.57
CA LYS H 63 -26.01 -9.51 0.89
C LYS H 63 -26.74 -10.03 -0.34
N GLN H 64 -27.06 -9.16 -1.29
CA GLN H 64 -27.80 -9.59 -2.48
C GLN H 64 -26.99 -10.28 -3.57
N PHE H 65 -25.71 -10.52 -3.33
CA PHE H 65 -24.88 -11.13 -4.34
C PHE H 65 -24.14 -12.33 -3.78
N SER H 66 -23.82 -13.29 -4.66
CA SER H 66 -23.07 -14.48 -4.27
C SER H 66 -21.65 -14.07 -3.88
N ARG H 67 -20.87 -15.05 -3.47
CA ARG H 67 -19.49 -14.81 -3.05
C ARG H 67 -18.59 -14.44 -4.22
N ASN H 68 -18.77 -15.11 -5.34
CA ASN H 68 -18.00 -14.79 -6.54
C ASN H 68 -18.26 -13.33 -6.87
N ASN H 69 -19.51 -12.90 -6.83
CA ASN H 69 -19.73 -11.52 -7.14
C ASN H 69 -19.07 -10.55 -6.14
N ASN H 70 -19.11 -10.84 -4.85
CA ASN H 70 -18.45 -9.92 -3.89
C ASN H 70 -16.94 -9.93 -4.06
N ASP H 71 -16.40 -11.04 -4.49
CA ASP H 71 -14.97 -11.05 -4.66
C ASP H 71 -14.64 -10.00 -5.71
N ARG H 72 -15.42 -10.02 -6.78
CA ARG H 72 -15.27 -9.08 -7.87
C ARG H 72 -15.45 -7.65 -7.41
N MET H 73 -16.58 -7.37 -6.77
CA MET H 73 -16.84 -6.01 -6.33
C MET H 73 -15.75 -5.45 -5.42
N LYS H 74 -15.17 -6.34 -4.61
CA LYS H 74 -14.11 -5.97 -3.71
C LYS H 74 -12.93 -5.35 -4.45
N VAL H 75 -12.72 -5.78 -5.70
CA VAL H 75 -11.63 -5.25 -6.50
C VAL H 75 -12.12 -4.34 -7.61
N GLY H 76 -13.22 -3.65 -7.35
CA GLY H 76 -13.78 -2.70 -8.29
C GLY H 76 -14.46 -3.25 -9.55
N LYS H 77 -14.64 -4.57 -9.62
CA LYS H 77 -15.28 -5.17 -10.78
C LYS H 77 -16.75 -5.41 -10.45
N ALA H 78 -17.61 -5.11 -11.40
CA ALA H 78 -19.04 -5.25 -11.21
C ALA H 78 -19.51 -6.69 -11.22
N PRO H 79 -20.59 -6.98 -10.47
CA PRO H 79 -21.11 -8.33 -10.44
C PRO H 79 -21.56 -8.79 -11.81
N LYS H 80 -21.33 -10.07 -12.07
CA LYS H 80 -21.74 -10.67 -13.31
C LYS H 80 -23.26 -10.80 -13.23
N THR H 81 -23.91 -10.64 -14.38
CA THR H 81 -25.37 -10.74 -14.48
C THR H 81 -25.77 -12.16 -14.82
N ARG H 82 -27.07 -12.43 -14.86
CA ARG H 82 -27.56 -13.77 -15.21
C ARG H 82 -27.19 -14.00 -16.67
N THR H 83 -27.16 -15.26 -17.12
CA THR H 83 -26.78 -15.50 -18.49
C THR H 83 -27.76 -14.94 -19.52
N GLN H 84 -29.05 -14.92 -19.20
CA GLN H 84 -30.02 -14.42 -20.17
C GLN H 84 -29.93 -12.92 -20.43
N ASP H 85 -29.12 -12.23 -19.62
CA ASP H 85 -28.94 -10.77 -19.72
C ASP H 85 -27.59 -10.29 -20.25
N VAL H 86 -26.69 -11.22 -20.55
CA VAL H 86 -25.38 -10.87 -21.07
C VAL H 86 -25.44 -10.74 -22.56
N SER H 87 -24.30 -10.39 -23.14
CA SER H 87 -24.15 -10.25 -24.58
C SER H 87 -22.68 -10.43 -24.88
N GLY H 88 -22.36 -11.46 -25.66
CA GLY H 88 -20.98 -11.71 -26.02
C GLY H 88 -20.09 -11.76 -24.81
N LYS H 89 -18.90 -11.19 -24.90
CA LYS H 89 -17.97 -11.18 -23.78
C LYS H 89 -18.42 -10.24 -22.64
N ARG H 90 -19.49 -9.47 -22.86
CA ARG H 90 -19.97 -8.57 -21.82
C ARG H 90 -20.95 -9.31 -20.93
N THR H 91 -20.50 -9.67 -19.73
CA THR H 91 -21.34 -10.43 -18.83
C THR H 91 -21.67 -9.73 -17.52
N SER H 92 -21.03 -8.60 -17.29
CA SER H 92 -21.24 -7.86 -16.07
C SER H 92 -22.05 -6.56 -16.26
N PHE H 93 -22.61 -6.09 -15.15
CA PHE H 93 -23.40 -4.87 -15.12
C PHE H 93 -22.53 -3.68 -15.50
N GLU H 94 -23.15 -2.74 -16.20
CA GLU H 94 -22.48 -1.55 -16.71
C GLU H 94 -23.16 -0.27 -16.26
N LEU H 95 -22.36 0.73 -15.91
CA LEU H 95 -22.87 2.01 -15.48
C LEU H 95 -23.33 2.82 -16.69
N HIS H 96 -24.54 3.38 -16.60
CA HIS H 96 -25.11 4.18 -17.67
C HIS H 96 -25.36 5.63 -17.31
N HIS H 97 -24.83 6.50 -18.17
CA HIS H 97 -24.97 7.94 -18.04
C HIS H 97 -26.21 8.33 -18.83
N GLU H 98 -27.19 8.92 -18.15
CA GLU H 98 -28.44 9.35 -18.79
C GLU H 98 -28.23 10.52 -19.74
N LYS H 99 -27.23 11.36 -19.45
CA LYS H 99 -26.91 12.51 -20.30
C LYS H 99 -25.42 12.66 -20.57
N PRO H 100 -25.03 12.79 -21.85
CA PRO H 100 -23.61 12.94 -22.21
C PRO H 100 -23.08 14.30 -21.80
N ILE H 101 -21.75 14.42 -21.67
CA ILE H 101 -21.11 15.68 -21.28
C ILE H 101 -21.55 16.81 -22.18
N SER H 102 -21.90 16.47 -23.42
CA SER H 102 -22.35 17.45 -24.40
C SER H 102 -23.61 18.16 -23.90
N GLN H 103 -24.61 17.39 -23.48
CA GLN H 103 -25.85 17.96 -22.97
C GLN H 103 -25.76 18.32 -21.50
N ASN H 104 -24.57 18.76 -21.07
CA ASN H 104 -24.34 19.15 -19.68
C ASN H 104 -24.60 18.01 -18.69
N GLY H 105 -24.52 16.78 -19.20
CA GLY H 105 -24.73 15.61 -18.37
C GLY H 105 -23.60 15.41 -17.37
N GLY H 106 -23.97 15.20 -16.11
CA GLY H 106 -22.97 15.00 -15.08
C GLY H 106 -22.12 13.76 -15.26
N VAL H 107 -20.85 13.96 -15.58
CA VAL H 107 -19.92 12.86 -15.79
C VAL H 107 -19.60 12.13 -14.48
N TYR H 108 -19.89 12.80 -13.37
CA TYR H 108 -19.66 12.26 -12.02
C TYR H 108 -20.80 12.68 -11.13
N ASP H 109 -21.98 12.77 -11.71
CA ASP H 109 -23.19 13.15 -11.00
C ASP H 109 -23.98 11.89 -10.82
N MET H 110 -23.92 11.33 -9.63
CA MET H 110 -24.65 10.10 -9.34
C MET H 110 -26.11 10.17 -9.76
N ASP H 111 -26.68 11.36 -9.76
CA ASP H 111 -28.06 11.49 -10.17
C ASP H 111 -28.21 11.28 -11.67
N ASN H 112 -27.09 11.35 -12.39
CA ASN H 112 -27.12 11.10 -13.82
C ASN H 112 -26.46 9.75 -14.18
N ILE H 113 -26.38 8.87 -13.18
CA ILE H 113 -25.72 7.57 -13.30
C ILE H 113 -26.64 6.43 -12.83
N SER H 114 -26.70 5.36 -13.61
CA SER H 114 -27.53 4.23 -13.24
C SER H 114 -26.80 2.95 -13.62
N VAL H 115 -27.31 1.82 -13.15
CA VAL H 115 -26.73 0.50 -13.43
C VAL H 115 -27.67 -0.27 -14.35
N VAL H 116 -27.19 -0.72 -15.50
CA VAL H 116 -28.01 -1.49 -16.43
C VAL H 116 -27.25 -2.73 -16.88
N THR H 117 -27.99 -3.72 -17.38
CA THR H 117 -27.41 -4.96 -17.87
C THR H 117 -26.92 -4.75 -19.30
N PRO H 118 -25.93 -5.52 -19.74
CA PRO H 118 -25.40 -5.41 -21.10
C PRO H 118 -26.46 -5.47 -22.16
N LYS H 119 -27.34 -6.47 -22.06
CA LYS H 119 -28.39 -6.65 -23.06
C LYS H 119 -29.33 -5.45 -23.07
N ARG H 120 -29.34 -4.68 -21.99
CA ARG H 120 -30.20 -3.51 -21.93
C ARG H 120 -29.44 -2.30 -22.43
N HIS H 121 -28.19 -2.15 -22.03
CA HIS H 121 -27.42 -1.03 -22.48
C HIS H 121 -27.45 -1.02 -24.01
N ILE H 122 -27.41 -2.20 -24.63
CA ILE H 122 -27.43 -2.30 -26.09
C ILE H 122 -28.75 -1.84 -26.70
N ASP H 123 -29.86 -2.15 -26.03
CA ASP H 123 -31.19 -1.77 -26.49
C ASP H 123 -31.45 -0.29 -26.24
N ILE H 124 -30.58 0.37 -25.47
CA ILE H 124 -30.77 1.79 -25.20
C ILE H 124 -30.02 2.58 -26.26
N HIS H 125 -28.90 2.04 -26.71
CA HIS H 125 -28.07 2.70 -27.72
C HIS H 125 -28.53 2.44 -29.15
N ARG H 126 -29.66 1.76 -29.29
CA ARG H 126 -30.20 1.49 -30.63
C ARG H 126 -31.52 2.24 -30.77
N GLY H 127 -32.12 2.55 -29.61
CA GLY H 127 -33.39 3.27 -29.56
C GLY H 127 -34.44 2.52 -28.76
N LYS H 128 -34.25 2.46 -27.45
CA LYS H 128 -35.18 1.76 -26.54
C LYS H 128 -35.59 0.39 -27.08
#